data_3CUI
#
_entry.id   3CUI
#
_cell.length_a   85.700
_cell.length_b   85.700
_cell.length_c   78.977
_cell.angle_alpha   90.00
_cell.angle_beta   90.00
_cell.angle_gamma   90.00
#
_symmetry.space_group_name_H-M   'P 41 21 2'
#
loop_
_entity.id
_entity.type
_entity.pdbx_description
1 polymer Exo-beta-1,4-glucanase
2 branched beta-D-xylopyranose-(1-4)-4-thio-beta-D-xylopyranose-(1-4)-4-thio-beta-D-xylopyranose-(1-4)-4-thio-beta-D-xylopyranose
3 water water
#
_entity_poly.entity_id   1
_entity_poly.type   'polypeptide(L)'
_entity_poly.pdbx_seq_one_letter_code
;ATTLKEAADGAGRDFGFALDPNRLSEAQYKAIADSEFNLVVAENAMKWDATEPSQNSFSFGAGDRVASYAADTGKELYGH
TLVWHSQLPDWAKNLNGSAFESAMVNHVTKVADHFEGKVASWDVVNEAFADGGGRRQDSAFQQKLGNGYIETAFRAARAA
DPTAKLCINDYNVEGINAKSNSLYDLVKDFKARGVPLDCVGFQSHLIVGQVPGDFRQNLQRFADLGVDVRITELDIRMRT
PSDATKLATQAADYKKVVQACMQVTRCQGVTVWGITDKYSWVPDVFPGEGAALVWDASYAKKPAYAAVMEAFGAS
;
_entity_poly.pdbx_strand_id   A
#
loop_
_chem_comp.id
_chem_comp.type
_chem_comp.name
_chem_comp.formula
TWY D-saccharide, beta linking 4-thio-beta-D-xylopyranose 'C5 H10 O4 S'
XYP D-saccharide, beta linking beta-D-xylopyranose 'C5 H10 O5'
#
# COMPACT_ATOMS: atom_id res chain seq x y z
N ALA A 1 15.77 -20.93 -1.93
CA ALA A 1 15.84 -19.47 -1.65
C ALA A 1 16.62 -19.20 -0.37
N THR A 2 17.42 -18.15 -0.39
CA THR A 2 18.18 -17.72 0.77
C THR A 2 17.79 -16.28 1.12
N THR A 3 16.85 -15.74 0.34
CA THR A 3 16.30 -14.43 0.66
C THR A 3 14.81 -14.43 0.38
N LEU A 4 14.11 -13.45 0.95
CA LEU A 4 12.68 -13.32 0.69
C LEU A 4 12.45 -12.95 -0.78
N LYS A 5 13.37 -12.17 -1.34
CA LYS A 5 13.32 -11.85 -2.75
C LYS A 5 13.36 -13.12 -3.61
N GLU A 6 14.31 -14.01 -3.31
CA GLU A 6 14.37 -15.28 -4.02
C GLU A 6 13.08 -16.09 -3.87
N ALA A 7 12.51 -16.11 -2.68
CA ALA A 7 11.28 -16.86 -2.46
C ALA A 7 10.12 -16.32 -3.31
N ALA A 8 9.93 -15.00 -3.28
CA ALA A 8 8.86 -14.35 -4.04
C ALA A 8 9.10 -14.46 -5.54
N ASP A 9 10.33 -14.16 -5.97
CA ASP A 9 10.73 -14.33 -7.37
C ASP A 9 10.36 -15.73 -7.84
N GLY A 10 10.78 -16.75 -7.07
CA GLY A 10 10.52 -18.14 -7.44
C GLY A 10 9.04 -18.47 -7.50
N ALA A 11 8.24 -17.81 -6.67
CA ALA A 11 6.80 -18.02 -6.63
C ALA A 11 6.06 -17.27 -7.74
N GLY A 12 6.78 -16.43 -8.48
CA GLY A 12 6.15 -15.57 -9.47
C GLY A 12 5.29 -14.46 -8.88
N ARG A 13 5.69 -13.94 -7.72
CA ARG A 13 4.92 -12.88 -7.08
C ARG A 13 5.82 -11.74 -6.65
N ASP A 14 5.21 -10.63 -6.23
CA ASP A 14 5.93 -9.48 -5.72
C ASP A 14 6.07 -9.55 -4.21
N PHE A 15 7.24 -9.15 -3.70
CA PHE A 15 7.43 -8.91 -2.27
C PHE A 15 8.08 -7.55 -2.18
N GLY A 16 7.32 -6.59 -1.64
CA GLY A 16 7.72 -5.20 -1.66
C GLY A 16 7.97 -4.61 -0.28
N PHE A 17 8.59 -3.41 -0.25
CA PHE A 17 8.70 -2.63 0.98
C PHE A 17 8.42 -1.15 0.76
N ALA A 18 7.99 -0.50 1.83
CA ALA A 18 7.86 0.96 1.87
C ALA A 18 9.18 1.64 2.19
N LEU A 19 9.66 2.41 1.21
CA LEU A 19 10.94 3.11 1.26
C LEU A 19 10.85 4.53 1.75
N ASP A 20 11.76 4.91 2.64
CA ASP A 20 12.06 6.31 2.97
C ASP A 20 13.40 6.61 2.27
N PRO A 21 13.39 7.45 1.22
CA PRO A 21 14.65 7.58 0.46
C PRO A 21 15.79 8.16 1.27
N ASN A 22 15.48 8.89 2.35
CA ASN A 22 16.57 9.39 3.20
C ASN A 22 17.34 8.29 3.88
N ARG A 23 16.69 7.14 4.08
CA ARG A 23 17.35 6.03 4.78
C ARG A 23 18.30 5.27 3.85
N LEU A 24 18.30 5.58 2.55
CA LEU A 24 19.24 4.92 1.61
C LEU A 24 20.70 5.24 1.94
N SER A 25 20.93 6.34 2.66
CA SER A 25 22.28 6.69 3.08
C SER A 25 22.75 5.87 4.29
N GLU A 26 21.84 5.10 4.89
CA GLU A 26 22.21 4.14 5.94
CA GLU A 26 22.20 4.15 5.93
C GLU A 26 22.44 2.81 5.25
N ALA A 27 23.70 2.40 5.17
CA ALA A 27 24.08 1.28 4.32
C ALA A 27 23.42 -0.05 4.68
N GLN A 28 23.17 -0.30 5.96
CA GLN A 28 22.49 -1.56 6.35
C GLN A 28 21.06 -1.59 5.84
N TYR A 29 20.38 -0.46 5.97
CA TYR A 29 19.03 -0.30 5.39
C TYR A 29 19.04 -0.56 3.88
N LYS A 30 19.97 0.10 3.17
CA LYS A 30 20.08 -0.08 1.72
C LYS A 30 20.43 -1.52 1.35
N ALA A 31 21.29 -2.17 2.14
CA ALA A 31 21.69 -3.55 1.81
C ALA A 31 20.50 -4.50 1.85
N ILE A 32 19.63 -4.33 2.85
CA ILE A 32 18.45 -5.17 2.98
C ILE A 32 17.42 -4.83 1.89
N ALA A 33 17.23 -3.53 1.65
CA ALA A 33 16.37 -3.06 0.55
C ALA A 33 16.79 -3.69 -0.77
N ASP A 34 18.09 -3.67 -1.04
CA ASP A 34 18.61 -4.13 -2.32
C ASP A 34 18.37 -5.62 -2.51
N SER A 35 18.54 -6.39 -1.44
CA SER A 35 18.60 -7.86 -1.57
C SER A 35 17.32 -8.62 -1.20
N GLU A 36 16.39 -7.99 -0.48
CA GLU A 36 15.25 -8.74 0.06
C GLU A 36 13.88 -8.49 -0.58
N PHE A 37 13.80 -7.58 -1.54
CA PHE A 37 12.53 -7.15 -2.11
C PHE A 37 12.64 -7.02 -3.62
N ASN A 38 11.54 -7.28 -4.32
CA ASN A 38 11.50 -7.07 -5.78
C ASN A 38 10.52 -5.97 -6.20
N LEU A 39 10.03 -5.22 -5.21
CA LEU A 39 9.08 -4.12 -5.47
C LEU A 39 9.31 -3.05 -4.41
N VAL A 40 9.10 -1.79 -4.78
CA VAL A 40 9.22 -0.69 -3.83
C VAL A 40 8.03 0.26 -3.98
N VAL A 41 7.60 0.79 -2.83
CA VAL A 41 6.60 1.87 -2.79
C VAL A 41 7.19 2.97 -1.92
N ALA A 42 6.84 4.22 -2.20
CA ALA A 42 7.23 5.33 -1.33
C ALA A 42 6.37 5.38 -0.09
N GLU A 43 6.99 5.28 1.09
CA GLU A 43 6.23 5.41 2.33
C GLU A 43 5.51 6.75 2.42
N ASN A 44 6.19 7.82 1.97
CA ASN A 44 5.68 9.19 2.09
C ASN A 44 5.97 10.08 0.88
N ALA A 45 7.01 9.78 0.11
CA ALA A 45 7.55 10.73 -0.89
C ALA A 45 6.64 11.02 -2.09
N MET A 46 5.61 10.19 -2.29
CA MET A 46 4.69 10.45 -3.41
C MET A 46 3.28 10.87 -2.99
N LYS A 47 3.12 11.20 -1.69
CA LYS A 47 1.85 11.71 -1.18
C LYS A 47 1.70 13.17 -1.57
N TRP A 48 0.49 13.69 -1.39
CA TRP A 48 0.21 15.06 -1.84
C TRP A 48 1.06 16.11 -1.10
N ASP A 49 1.19 15.99 0.22
CA ASP A 49 2.05 16.93 0.96
C ASP A 49 3.51 16.95 0.45
N ALA A 50 4.00 15.79 0.02
CA ALA A 50 5.38 15.64 -0.43
C ALA A 50 5.57 16.04 -1.88
N THR A 51 4.48 16.16 -2.64
CA THR A 51 4.61 16.43 -4.07
C THR A 51 4.03 17.77 -4.54
N GLU A 52 3.04 18.32 -3.83
CA GLU A 52 2.42 19.58 -4.26
C GLU A 52 2.19 20.49 -3.04
N PRO A 53 3.28 21.02 -2.47
CA PRO A 53 3.18 21.80 -1.21
C PRO A 53 2.47 23.14 -1.33
N SER A 54 2.43 23.73 -2.51
CA SER A 54 1.54 24.88 -2.79
C SER A 54 0.87 24.65 -4.14
N GLN A 55 -0.18 25.40 -4.43
CA GLN A 55 -1.04 25.07 -5.56
C GLN A 55 -0.29 25.12 -6.89
N ASN A 56 -0.30 24.00 -7.60
CA ASN A 56 0.41 23.86 -8.88
C ASN A 56 1.91 24.15 -8.83
N SER A 57 2.53 23.91 -7.68
CA SER A 57 3.96 23.98 -7.55
C SER A 57 4.42 22.66 -6.98
N PHE A 58 5.20 21.94 -7.78
CA PHE A 58 5.48 20.52 -7.48
C PHE A 58 6.90 20.33 -6.97
N SER A 59 7.07 19.38 -6.06
CA SER A 59 8.36 19.06 -5.47
C SER A 59 8.63 17.56 -5.65
N PHE A 60 9.20 17.21 -6.78
CA PHE A 60 9.36 15.78 -7.12
C PHE A 60 10.70 15.15 -6.72
N GLY A 61 11.59 15.90 -6.08
CA GLY A 61 12.92 15.35 -5.76
C GLY A 61 12.87 14.04 -4.99
N ALA A 62 12.07 13.99 -3.92
CA ALA A 62 12.02 12.80 -3.08
C ALA A 62 11.36 11.61 -3.80
N GLY A 63 10.27 11.89 -4.52
CA GLY A 63 9.62 10.84 -5.30
C GLY A 63 10.51 10.32 -6.43
N ASP A 64 11.23 11.24 -7.07
CA ASP A 64 12.20 10.86 -8.11
C ASP A 64 13.29 9.97 -7.52
N ARG A 65 13.72 10.28 -6.29
CA ARG A 65 14.75 9.46 -5.65
C ARG A 65 14.28 8.00 -5.49
N VAL A 66 13.01 7.83 -5.11
CA VAL A 66 12.42 6.50 -4.96
C VAL A 66 12.33 5.84 -6.33
N ALA A 67 11.83 6.57 -7.34
CA ALA A 67 11.72 5.99 -8.68
C ALA A 67 13.09 5.56 -9.20
N SER A 68 14.09 6.40 -9.00
CA SER A 68 15.43 6.09 -9.49
C SER A 68 15.99 4.86 -8.78
N TYR A 69 15.72 4.75 -7.47
CA TYR A 69 16.11 3.57 -6.72
C TYR A 69 15.53 2.29 -7.33
N ALA A 70 14.22 2.32 -7.63
CA ALA A 70 13.56 1.18 -8.28
C ALA A 70 14.21 0.85 -9.62
N ALA A 71 14.47 1.88 -10.44
CA ALA A 71 15.04 1.60 -11.76
C ALA A 71 16.48 1.07 -11.63
N ASP A 72 17.23 1.62 -10.70
CA ASP A 72 18.64 1.24 -10.56
C ASP A 72 18.81 -0.21 -10.05
N THR A 73 17.84 -0.68 -9.27
CA THR A 73 17.92 -2.01 -8.65
C THR A 73 17.00 -3.01 -9.34
N GLY A 74 16.29 -2.56 -10.37
CA GLY A 74 15.42 -3.49 -11.12
C GLY A 74 14.23 -3.99 -10.34
N LYS A 75 13.64 -3.10 -9.55
CA LYS A 75 12.43 -3.45 -8.78
C LYS A 75 11.20 -2.81 -9.41
N GLU A 76 10.05 -3.48 -9.30
CA GLU A 76 8.80 -2.85 -9.70
CA GLU A 76 8.78 -2.87 -9.67
C GLU A 76 8.54 -1.65 -8.80
N LEU A 77 7.90 -0.62 -9.37
CA LEU A 77 7.61 0.59 -8.62
C LEU A 77 6.11 0.74 -8.49
N TYR A 78 5.67 0.88 -7.25
CA TYR A 78 4.25 1.04 -6.92
C TYR A 78 4.05 2.45 -6.42
N GLY A 79 3.01 3.11 -6.94
CA GLY A 79 2.76 4.51 -6.58
C GLY A 79 1.74 4.73 -5.47
N HIS A 80 2.12 5.51 -4.46
CA HIS A 80 1.22 5.73 -3.32
C HIS A 80 1.37 7.19 -2.93
N THR A 81 0.32 8.04 -2.99
CA THR A 81 -1.05 7.75 -3.43
C THR A 81 -1.61 9.08 -3.93
N LEU A 82 -2.47 9.07 -4.94
CA LEU A 82 -2.87 10.32 -5.60
C LEU A 82 -3.91 11.12 -4.81
N VAL A 83 -4.92 10.42 -4.30
CA VAL A 83 -6.03 11.07 -3.61
C VAL A 83 -6.26 10.39 -2.25
N TRP A 84 -6.07 11.16 -1.19
CA TRP A 84 -6.15 10.67 0.19
C TRP A 84 -6.48 11.84 1.10
N HIS A 85 -7.35 11.59 2.07
CA HIS A 85 -7.77 12.66 2.98
C HIS A 85 -6.67 13.10 3.96
N SER A 86 -5.71 12.22 4.21
CA SER A 86 -4.63 12.50 5.15
CA SER A 86 -4.62 12.50 5.15
C SER A 86 -3.41 13.08 4.42
N GLN A 87 -2.56 13.78 5.14
CA GLN A 87 -1.35 14.39 4.54
C GLN A 87 -1.70 15.24 3.33
N LEU A 88 -2.82 15.95 3.48
CA LEU A 88 -3.35 16.87 2.47
C LEU A 88 -3.07 18.33 2.90
N PRO A 89 -2.29 19.10 2.11
CA PRO A 89 -1.93 20.45 2.53
C PRO A 89 -3.13 21.36 2.79
N ASP A 90 -2.93 22.33 3.69
CA ASP A 90 -3.97 23.28 4.04
C ASP A 90 -4.48 24.06 2.83
N TRP A 91 -3.59 24.40 1.87
CA TRP A 91 -4.07 25.14 0.71
C TRP A 91 -5.19 24.41 -0.01
N ALA A 92 -5.12 23.09 -0.03
CA ALA A 92 -6.14 22.30 -0.71
C ALA A 92 -7.43 22.26 0.10
N LYS A 93 -7.29 22.08 1.41
CA LYS A 93 -8.42 22.12 2.33
C LYS A 93 -9.19 23.44 2.28
N ASN A 94 -8.49 24.53 1.91
CA ASN A 94 -9.11 25.87 1.85
C ASN A 94 -9.91 26.14 0.61
N LEU A 95 -9.80 25.23 -0.35
CA LEU A 95 -10.56 25.34 -1.59
C LEU A 95 -11.89 24.62 -1.47
N ASN A 96 -12.86 25.06 -2.27
CA ASN A 96 -14.16 24.43 -2.29
C ASN A 96 -14.72 24.32 -3.70
N GLY A 97 -15.77 23.52 -3.85
CA GLY A 97 -16.50 23.44 -5.10
C GLY A 97 -15.61 23.10 -6.27
N SER A 98 -15.86 23.75 -7.41
CA SER A 98 -15.12 23.44 -8.64
C SER A 98 -13.63 23.73 -8.49
N ALA A 99 -13.27 24.69 -7.65
CA ALA A 99 -11.87 25.04 -7.45
C ALA A 99 -11.14 23.88 -6.76
N PHE A 100 -11.82 23.22 -5.82
CA PHE A 100 -11.26 22.04 -5.16
C PHE A 100 -11.21 20.87 -6.11
N GLU A 101 -12.30 20.63 -6.83
CA GLU A 101 -12.29 19.55 -7.82
C GLU A 101 -11.13 19.73 -8.83
N SER A 102 -10.94 20.95 -9.31
CA SER A 102 -9.89 21.21 -10.28
CA SER A 102 -9.87 21.28 -10.25
C SER A 102 -8.51 20.95 -9.67
N ALA A 103 -8.32 21.31 -8.40
CA ALA A 103 -7.05 21.05 -7.70
C ALA A 103 -6.78 19.53 -7.61
N MET A 104 -7.80 18.76 -7.27
CA MET A 104 -7.70 17.30 -7.27
C MET A 104 -7.32 16.75 -8.63
N VAL A 105 -8.03 17.18 -9.67
CA VAL A 105 -7.79 16.69 -11.01
C VAL A 105 -6.37 17.05 -11.46
N ASN A 106 -5.93 18.27 -11.17
CA ASN A 106 -4.61 18.72 -11.55
C ASN A 106 -3.53 17.93 -10.82
N HIS A 107 -3.78 17.65 -9.55
CA HIS A 107 -2.82 16.86 -8.77
C HIS A 107 -2.65 15.46 -9.35
N VAL A 108 -3.78 14.81 -9.59
CA VAL A 108 -3.76 13.48 -10.22
C VAL A 108 -3.03 13.52 -11.57
N THR A 109 -3.40 14.49 -12.41
CA THR A 109 -2.80 14.59 -13.75
C THR A 109 -1.29 14.82 -13.69
N LYS A 110 -0.86 15.82 -12.93
CA LYS A 110 0.56 16.16 -12.89
C LYS A 110 1.43 15.05 -12.29
N VAL A 111 0.94 14.43 -11.22
CA VAL A 111 1.77 13.41 -10.55
C VAL A 111 1.80 12.14 -11.42
N ALA A 112 0.66 11.74 -11.97
CA ALA A 112 0.65 10.55 -12.84
C ALA A 112 1.50 10.82 -14.11
N ASP A 113 1.38 12.03 -14.70
CA ASP A 113 2.18 12.33 -15.90
C ASP A 113 3.66 12.31 -15.55
N HIS A 114 4.00 12.88 -14.40
CA HIS A 114 5.42 12.97 -14.04
C HIS A 114 6.08 11.59 -13.97
N PHE A 115 5.36 10.63 -13.38
CA PHE A 115 5.91 9.29 -13.17
C PHE A 115 5.53 8.25 -14.24
N GLU A 116 4.89 8.71 -15.32
CA GLU A 116 4.41 7.80 -16.35
C GLU A 116 5.57 6.99 -16.94
N GLY A 117 5.36 5.68 -17.07
CA GLY A 117 6.40 4.77 -17.59
C GLY A 117 7.41 4.31 -16.55
N LYS A 118 7.32 4.88 -15.35
CA LYS A 118 8.14 4.46 -14.20
C LYS A 118 7.29 3.74 -13.15
N VAL A 119 6.25 4.44 -12.66
CA VAL A 119 5.25 3.81 -11.77
C VAL A 119 4.39 2.84 -12.56
N ALA A 120 4.36 1.58 -12.14
CA ALA A 120 3.58 0.55 -12.83
C ALA A 120 2.12 0.49 -12.36
N SER A 121 1.86 0.88 -11.12
CA SER A 121 0.54 0.80 -10.50
C SER A 121 0.40 1.97 -9.58
N TRP A 122 -0.81 2.54 -9.50
CA TRP A 122 -1.08 3.63 -8.55
C TRP A 122 -2.18 3.28 -7.57
N ASP A 123 -1.99 3.63 -6.28
CA ASP A 123 -3.14 3.85 -5.39
C ASP A 123 -3.76 5.17 -5.79
N VAL A 124 -4.76 5.14 -6.68
CA VAL A 124 -5.39 6.39 -7.15
C VAL A 124 -6.20 7.02 -6.02
N VAL A 125 -7.00 6.19 -5.33
CA VAL A 125 -7.79 6.64 -4.18
C VAL A 125 -7.43 5.72 -3.00
N ASN A 126 -7.21 6.34 -1.85
CA ASN A 126 -6.83 5.68 -0.62
C ASN A 126 -7.85 5.96 0.47
N GLU A 127 -8.30 4.90 1.16
CA GLU A 127 -9.08 5.05 2.42
C GLU A 127 -10.39 5.82 2.25
N ALA A 128 -11.12 5.46 1.21
CA ALA A 128 -12.40 6.12 0.88
C ALA A 128 -13.56 5.67 1.77
N PHE A 129 -13.42 4.52 2.43
CA PHE A 129 -14.58 3.92 3.12
C PHE A 129 -14.49 4.05 4.63
N ALA A 130 -15.61 3.73 5.32
CA ALA A 130 -15.69 3.83 6.77
C ALA A 130 -15.83 2.48 7.40
N ASP A 131 -15.15 2.30 8.54
CA ASP A 131 -15.39 1.12 9.36
C ASP A 131 -16.88 1.12 9.65
N GLY A 132 -17.51 -0.03 9.43
CA GLY A 132 -18.95 -0.15 9.66
C GLY A 132 -19.79 0.09 8.42
N GLY A 133 -19.12 0.41 7.30
CA GLY A 133 -19.81 0.56 6.02
C GLY A 133 -19.99 1.99 5.58
N GLY A 134 -20.15 2.19 4.27
CA GLY A 134 -20.38 3.52 3.73
C GLY A 134 -19.09 4.30 3.54
N ARG A 135 -19.23 5.58 3.23
CA ARG A 135 -18.06 6.42 2.93
C ARG A 135 -17.44 7.01 4.19
N ARG A 136 -16.12 7.23 4.12
CA ARG A 136 -15.38 7.91 5.17
C ARG A 136 -16.01 9.26 5.53
N GLN A 137 -16.02 9.58 6.82
CA GLN A 137 -16.72 10.74 7.40
C GLN A 137 -15.87 11.96 7.77
N ASP A 138 -14.55 11.84 7.62
CA ASP A 138 -13.64 12.95 7.88
C ASP A 138 -12.73 13.25 6.69
N SER A 139 -13.29 13.19 5.48
CA SER A 139 -12.50 13.37 4.27
C SER A 139 -12.87 14.63 3.54
N ALA A 140 -11.88 15.46 3.22
CA ALA A 140 -12.11 16.67 2.44
C ALA A 140 -12.71 16.35 1.08
N PHE A 141 -12.31 15.21 0.50
CA PHE A 141 -12.83 14.83 -0.82
C PHE A 141 -14.32 14.45 -0.75
N GLN A 142 -14.67 13.63 0.23
CA GLN A 142 -16.05 13.21 0.41
C GLN A 142 -16.92 14.44 0.75
N GLN A 143 -16.43 15.30 1.64
CA GLN A 143 -17.20 16.45 2.13
C GLN A 143 -17.39 17.53 1.08
N LYS A 144 -16.39 17.72 0.23
CA LYS A 144 -16.44 18.82 -0.75
C LYS A 144 -16.99 18.40 -2.09
N LEU A 145 -16.83 17.12 -2.42
CA LEU A 145 -17.18 16.62 -3.77
C LEU A 145 -18.25 15.54 -3.79
N GLY A 146 -18.45 14.88 -2.65
CA GLY A 146 -19.45 13.80 -2.59
C GLY A 146 -19.04 12.53 -3.30
N ASN A 147 -20.02 11.65 -3.55
CA ASN A 147 -19.71 10.29 -4.00
C ASN A 147 -18.88 10.19 -5.26
N GLY A 148 -19.10 11.12 -6.19
CA GLY A 148 -18.49 11.04 -7.51
C GLY A 148 -17.00 11.26 -7.60
N TYR A 149 -16.33 11.66 -6.50
CA TYR A 149 -14.92 12.06 -6.62
C TYR A 149 -14.04 10.86 -6.99
N ILE A 150 -14.43 9.66 -6.54
CA ILE A 150 -13.62 8.47 -6.79
C ILE A 150 -13.57 8.21 -8.30
N GLU A 151 -14.74 8.16 -8.96
CA GLU A 151 -14.76 7.99 -10.41
C GLU A 151 -14.01 9.12 -11.13
N THR A 152 -14.18 10.35 -10.67
CA THR A 152 -13.42 11.46 -11.28
C THR A 152 -11.91 11.21 -11.23
N ALA A 153 -11.44 10.80 -10.07
CA ALA A 153 -10.00 10.57 -9.88
C ALA A 153 -9.49 9.43 -10.77
N PHE A 154 -10.22 8.32 -10.83
CA PHE A 154 -9.83 7.20 -11.71
C PHE A 154 -9.82 7.57 -13.19
N ARG A 155 -10.86 8.27 -13.65
CA ARG A 155 -10.86 8.69 -15.06
C ARG A 155 -9.72 9.65 -15.35
N ALA A 156 -9.43 10.57 -14.42
CA ALA A 156 -8.31 11.49 -14.65
C ALA A 156 -6.95 10.77 -14.65
N ALA A 157 -6.81 9.77 -13.79
CA ALA A 157 -5.55 9.01 -13.75
C ALA A 157 -5.36 8.26 -15.08
N ARG A 158 -6.44 7.66 -15.61
CA ARG A 158 -6.33 6.94 -16.88
C ARG A 158 -6.08 7.90 -18.05
N ALA A 159 -6.68 9.10 -17.99
CA ALA A 159 -6.46 10.08 -19.07
C ALA A 159 -4.99 10.48 -19.13
N ALA A 160 -4.35 10.57 -17.96
CA ALA A 160 -2.93 10.95 -17.87
C ALA A 160 -2.02 9.77 -18.21
N ASP A 161 -2.33 8.60 -17.69
CA ASP A 161 -1.49 7.41 -17.86
C ASP A 161 -2.32 6.27 -18.41
N PRO A 162 -2.29 6.09 -19.74
CA PRO A 162 -3.16 5.08 -20.37
C PRO A 162 -2.92 3.64 -19.96
N THR A 163 -1.73 3.32 -19.42
CA THR A 163 -1.40 1.91 -19.18
C THR A 163 -1.18 1.50 -17.73
N ALA A 164 -0.96 2.44 -16.83
CA ALA A 164 -0.67 2.08 -15.43
C ALA A 164 -1.86 1.28 -14.85
N LYS A 165 -1.58 0.35 -13.97
CA LYS A 165 -2.64 -0.32 -13.22
C LYS A 165 -3.20 0.66 -12.18
N LEU A 166 -4.51 0.88 -12.20
CA LEU A 166 -5.13 1.87 -11.32
C LEU A 166 -5.88 1.16 -10.16
N CYS A 167 -5.39 1.38 -8.92
CA CYS A 167 -5.90 0.67 -7.75
C CYS A 167 -6.65 1.59 -6.79
N ILE A 168 -7.61 0.99 -6.08
CA ILE A 168 -8.18 1.61 -4.88
C ILE A 168 -7.67 0.82 -3.67
N ASN A 169 -7.31 1.51 -2.59
CA ASN A 169 -6.60 0.87 -1.45
C ASN A 169 -7.34 1.20 -0.18
N ASP A 170 -7.41 0.26 0.77
CA ASP A 170 -8.05 0.57 2.06
C ASP A 170 -7.57 -0.40 3.15
N TYR A 171 -7.92 -0.08 4.38
CA TYR A 171 -7.62 -0.91 5.54
C TYR A 171 -8.90 -1.36 6.25
N ASN A 172 -8.74 -2.33 7.15
CA ASN A 172 -9.90 -2.98 7.80
C ASN A 172 -10.89 -3.54 6.78
N VAL A 173 -10.36 -3.92 5.61
CA VAL A 173 -11.16 -4.53 4.55
C VAL A 173 -10.62 -5.92 4.22
N GLU A 174 -9.80 -6.48 5.11
CA GLU A 174 -9.21 -7.78 4.84
C GLU A 174 -10.21 -8.92 5.04
N GLY A 175 -11.07 -8.78 6.05
CA GLY A 175 -12.19 -9.71 6.22
C GLY A 175 -13.40 -9.24 5.44
N ILE A 176 -14.41 -10.10 5.37
CA ILE A 176 -15.70 -9.77 4.76
C ILE A 176 -16.53 -9.08 5.83
N ASN A 177 -16.75 -7.79 5.67
CA ASN A 177 -17.45 -6.98 6.68
C ASN A 177 -18.13 -5.80 5.97
N ALA A 178 -18.80 -4.93 6.73
CA ALA A 178 -19.58 -3.85 6.10
C ALA A 178 -18.67 -2.96 5.25
N LYS A 179 -17.46 -2.71 5.74
CA LYS A 179 -16.50 -1.86 5.01
C LYS A 179 -16.04 -2.50 3.70
N SER A 180 -15.59 -3.75 3.74
CA SER A 180 -15.18 -4.42 2.50
C SER A 180 -16.36 -4.67 1.56
N ASN A 181 -17.58 -4.83 2.10
CA ASN A 181 -18.76 -4.94 1.26
C ASN A 181 -19.04 -3.65 0.50
N SER A 182 -18.85 -2.49 1.15
CA SER A 182 -19.01 -1.20 0.47
C SER A 182 -17.97 -1.06 -0.65
N LEU A 183 -16.73 -1.44 -0.35
CA LEU A 183 -15.64 -1.42 -1.34
C LEU A 183 -15.95 -2.35 -2.52
N TYR A 184 -16.40 -3.56 -2.19
CA TYR A 184 -16.79 -4.55 -3.19
C TYR A 184 -17.87 -4.00 -4.13
N ASP A 185 -18.89 -3.36 -3.54
CA ASP A 185 -19.97 -2.76 -4.34
C ASP A 185 -19.42 -1.75 -5.36
N LEU A 186 -18.49 -0.90 -4.92
CA LEU A 186 -17.93 0.10 -5.82
C LEU A 186 -17.11 -0.56 -6.94
N VAL A 187 -16.27 -1.52 -6.58
CA VAL A 187 -15.46 -2.19 -7.58
C VAL A 187 -16.36 -2.85 -8.64
N LYS A 188 -17.40 -3.54 -8.18
CA LYS A 188 -18.33 -4.20 -9.10
C LYS A 188 -19.03 -3.17 -10.00
N ASP A 189 -19.44 -2.06 -9.42
CA ASP A 189 -20.06 -0.97 -10.19
C ASP A 189 -19.11 -0.38 -11.25
N PHE A 190 -17.87 -0.08 -10.85
CA PHE A 190 -16.89 0.49 -11.77
C PHE A 190 -16.63 -0.45 -12.94
N LYS A 191 -16.43 -1.73 -12.66
CA LYS A 191 -16.16 -2.69 -13.72
C LYS A 191 -17.38 -2.80 -14.65
N ALA A 192 -18.57 -2.82 -14.07
CA ALA A 192 -19.82 -2.90 -14.86
C ALA A 192 -19.94 -1.73 -15.84
N ARG A 193 -19.58 -0.54 -15.39
CA ARG A 193 -19.74 0.67 -16.23
C ARG A 193 -18.50 1.05 -17.03
N GLY A 194 -17.43 0.27 -16.91
CA GLY A 194 -16.20 0.54 -17.63
C GLY A 194 -15.41 1.73 -17.10
N VAL A 195 -15.58 2.05 -15.82
CA VAL A 195 -14.72 3.04 -15.18
C VAL A 195 -13.33 2.40 -15.04
N PRO A 196 -12.25 3.11 -15.44
CA PRO A 196 -10.91 2.53 -15.31
C PRO A 196 -10.62 2.15 -13.86
N LEU A 197 -10.24 0.90 -13.67
CA LEU A 197 -9.94 0.35 -12.34
C LEU A 197 -9.39 -1.05 -12.57
N ASP A 198 -8.18 -1.32 -12.10
CA ASP A 198 -7.52 -2.59 -12.39
C ASP A 198 -7.19 -3.44 -11.19
N CYS A 199 -7.23 -2.84 -10.00
CA CYS A 199 -6.68 -3.53 -8.82
C CYS A 199 -7.24 -2.98 -7.52
N VAL A 200 -7.18 -3.81 -6.48
CA VAL A 200 -7.65 -3.44 -5.14
C VAL A 200 -6.54 -3.77 -4.15
N GLY A 201 -6.20 -2.81 -3.30
CA GLY A 201 -5.18 -2.97 -2.28
C GLY A 201 -5.80 -3.15 -0.91
N PHE A 202 -5.22 -4.10 -0.17
CA PHE A 202 -5.65 -4.47 1.18
C PHE A 202 -4.47 -4.17 2.10
N GLN A 203 -4.58 -3.07 2.84
CA GLN A 203 -3.41 -2.57 3.58
C GLN A 203 -2.85 -3.59 4.57
N SER A 204 -3.73 -4.28 5.28
CA SER A 204 -3.28 -5.33 6.21
C SER A 204 -2.39 -4.80 7.32
N HIS A 205 -2.84 -3.69 7.95
CA HIS A 205 -2.28 -3.28 9.24
C HIS A 205 -2.98 -4.09 10.33
N LEU A 206 -2.36 -5.20 10.72
CA LEU A 206 -3.00 -6.18 11.56
C LEU A 206 -2.41 -6.17 12.97
N ILE A 207 -3.10 -6.82 13.90
CA ILE A 207 -2.62 -6.99 15.28
C ILE A 207 -2.25 -8.45 15.46
N VAL A 208 -1.13 -8.70 16.17
CA VAL A 208 -0.66 -10.07 16.42
CA VAL A 208 -0.66 -10.08 16.39
C VAL A 208 -1.78 -10.96 16.95
N GLY A 209 -1.96 -12.12 16.34
CA GLY A 209 -3.02 -13.05 16.73
C GLY A 209 -4.40 -12.70 16.19
N GLN A 210 -4.49 -11.75 15.28
CA GLN A 210 -5.81 -11.36 14.75
C GLN A 210 -5.83 -11.25 13.22
N VAL A 211 -5.43 -12.33 12.54
CA VAL A 211 -5.53 -12.35 11.07
C VAL A 211 -6.92 -12.86 10.66
N PRO A 212 -7.65 -12.09 9.83
CA PRO A 212 -8.97 -12.60 9.44
C PRO A 212 -8.89 -13.99 8.78
N GLY A 213 -9.73 -14.91 9.23
CA GLY A 213 -9.76 -16.26 8.68
C GLY A 213 -10.38 -16.32 7.29
N ASP A 214 -11.15 -15.29 6.96
CA ASP A 214 -11.80 -15.22 5.65
C ASP A 214 -11.02 -14.34 4.66
N PHE A 215 -9.74 -14.08 4.94
CA PHE A 215 -8.95 -13.20 4.09
C PHE A 215 -8.88 -13.75 2.64
N ARG A 216 -8.55 -15.04 2.49
CA ARG A 216 -8.45 -15.63 1.14
C ARG A 216 -9.79 -15.54 0.42
N GLN A 217 -10.87 -15.92 1.08
CA GLN A 217 -12.20 -15.86 0.48
C GLN A 217 -12.52 -14.45 0.00
N ASN A 218 -12.18 -13.46 0.82
CA ASN A 218 -12.39 -12.06 0.47
C ASN A 218 -11.54 -11.62 -0.72
N LEU A 219 -10.24 -11.91 -0.70
CA LEU A 219 -9.40 -11.62 -1.86
C LEU A 219 -9.98 -12.26 -3.12
N GLN A 220 -10.45 -13.50 -3.01
CA GLN A 220 -10.94 -14.23 -4.19
C GLN A 220 -12.20 -13.60 -4.77
N ARG A 221 -13.13 -13.15 -3.91
CA ARG A 221 -14.37 -12.53 -4.45
C ARG A 221 -14.04 -11.23 -5.19
N PHE A 222 -13.04 -10.49 -4.72
CA PHE A 222 -12.60 -9.30 -5.47
C PHE A 222 -11.94 -9.69 -6.79
N ALA A 223 -11.00 -10.62 -6.76
CA ALA A 223 -10.36 -11.09 -8.00
C ALA A 223 -11.42 -11.53 -9.02
N ASP A 224 -12.47 -12.18 -8.54
CA ASP A 224 -13.53 -12.68 -9.44
C ASP A 224 -14.37 -11.58 -10.09
N LEU A 225 -14.26 -10.35 -9.59
CA LEU A 225 -14.87 -9.19 -10.27
C LEU A 225 -14.10 -8.79 -11.52
N GLY A 226 -12.91 -9.37 -11.70
CA GLY A 226 -12.07 -9.04 -12.86
C GLY A 226 -11.01 -7.99 -12.57
N VAL A 227 -10.48 -8.01 -11.35
CA VAL A 227 -9.38 -7.11 -10.99
C VAL A 227 -8.29 -7.89 -10.28
N ASP A 228 -7.09 -7.33 -10.26
CA ASP A 228 -6.00 -7.91 -9.49
C ASP A 228 -6.16 -7.45 -8.04
N VAL A 229 -5.55 -8.20 -7.12
CA VAL A 229 -5.55 -7.81 -5.70
C VAL A 229 -4.12 -7.82 -5.17
N ARG A 230 -3.90 -7.08 -4.09
CA ARG A 230 -2.54 -6.97 -3.52
C ARG A 230 -2.62 -6.64 -2.05
N ILE A 231 -1.70 -7.19 -1.26
CA ILE A 231 -1.53 -6.80 0.14
C ILE A 231 -0.51 -5.68 0.11
N THR A 232 -0.90 -4.49 0.55
CA THR A 232 -0.12 -3.29 0.25
C THR A 232 0.69 -2.67 1.39
N GLU A 233 0.31 -2.90 2.65
CA GLU A 233 0.98 -2.18 3.76
C GLU A 233 1.11 -3.08 4.97
N LEU A 234 1.46 -4.34 4.72
CA LEU A 234 1.46 -5.31 5.81
C LEU A 234 2.39 -4.97 6.96
N ASP A 235 1.85 -4.98 8.18
CA ASP A 235 2.65 -5.07 9.40
C ASP A 235 1.73 -5.69 10.46
N ILE A 236 2.31 -6.28 11.50
CA ILE A 236 1.53 -7.06 12.46
C ILE A 236 2.02 -6.70 13.84
N ARG A 237 1.31 -5.76 14.47
CA ARG A 237 1.82 -5.09 15.67
C ARG A 237 1.49 -5.84 16.95
N MET A 238 2.38 -5.72 17.94
CA MET A 238 2.21 -6.39 19.23
C MET A 238 2.45 -5.38 20.35
N ARG A 239 2.07 -5.76 21.57
CA ARG A 239 2.51 -5.01 22.74
C ARG A 239 3.99 -5.19 22.93
N THR A 240 4.70 -4.08 23.11
CA THR A 240 6.16 -4.14 23.27
C THR A 240 6.51 -4.31 24.76
N PRO A 241 7.69 -4.89 25.07
CA PRO A 241 8.67 -5.49 24.17
C PRO A 241 8.21 -6.86 23.70
N SER A 242 8.79 -7.30 22.60
CA SER A 242 8.53 -8.64 22.12
C SER A 242 9.03 -9.69 23.12
N ASP A 243 8.47 -10.89 23.02
CA ASP A 243 8.97 -12.06 23.70
C ASP A 243 8.78 -13.25 22.74
N ALA A 244 9.17 -14.43 23.15
CA ALA A 244 9.16 -15.59 22.25
C ALA A 244 7.76 -15.96 21.79
N THR A 245 6.79 -15.93 22.71
CA THR A 245 5.41 -16.24 22.37
C THR A 245 4.88 -15.27 21.32
N LYS A 246 5.07 -13.98 21.55
CA LYS A 246 4.59 -12.96 20.62
C LYS A 246 5.24 -13.07 19.24
N LEU A 247 6.55 -13.33 19.23
CA LEU A 247 7.27 -13.45 17.95
C LEU A 247 6.85 -14.69 17.17
N ALA A 248 6.55 -15.77 17.89
CA ALA A 248 6.05 -16.98 17.24
C ALA A 248 4.65 -16.75 16.64
N THR A 249 3.77 -16.11 17.40
CA THR A 249 2.42 -15.83 16.88
C THR A 249 2.53 -14.92 15.65
N GLN A 250 3.39 -13.89 15.76
CA GLN A 250 3.58 -12.94 14.65
C GLN A 250 4.06 -13.68 13.41
N ALA A 251 4.97 -14.62 13.58
CA ALA A 251 5.49 -15.39 12.46
C ALA A 251 4.36 -16.19 11.81
N ALA A 252 3.57 -16.89 12.63
CA ALA A 252 2.41 -17.60 12.12
C ALA A 252 1.45 -16.68 11.36
N ASP A 253 1.29 -15.45 11.85
CA ASP A 253 0.39 -14.47 11.23
C ASP A 253 0.90 -14.04 9.86
N TYR A 254 2.22 -13.77 9.77
CA TYR A 254 2.83 -13.43 8.47
C TYR A 254 2.60 -14.56 7.49
N LYS A 255 2.78 -15.80 7.96
CA LYS A 255 2.57 -16.95 7.10
C LYS A 255 1.12 -17.01 6.60
N LYS A 256 0.15 -16.77 7.49
CA LYS A 256 -1.27 -16.78 7.12
C LYS A 256 -1.55 -15.75 6.01
N VAL A 257 -1.00 -14.55 6.16
CA VAL A 257 -1.25 -13.50 5.17
C VAL A 257 -0.64 -13.84 3.81
N VAL A 258 0.62 -14.26 3.81
CA VAL A 258 1.29 -14.59 2.55
C VAL A 258 0.61 -15.79 1.88
N GLN A 259 0.19 -16.76 2.68
CA GLN A 259 -0.52 -17.93 2.13
C GLN A 259 -1.86 -17.53 1.50
N ALA A 260 -2.60 -16.62 2.12
CA ALA A 260 -3.87 -16.18 1.54
C ALA A 260 -3.62 -15.60 0.14
N CYS A 261 -2.56 -14.80 0.00
CA CYS A 261 -2.20 -14.25 -1.30
C CYS A 261 -1.82 -15.36 -2.28
N MET A 262 -0.95 -16.28 -1.84
CA MET A 262 -0.54 -17.39 -2.67
C MET A 262 -1.75 -18.19 -3.21
N GLN A 263 -2.80 -18.26 -2.40
CA GLN A 263 -3.98 -19.09 -2.72
C GLN A 263 -4.95 -18.40 -3.69
N VAL A 264 -4.64 -17.16 -4.08
CA VAL A 264 -5.48 -16.40 -5.02
C VAL A 264 -4.63 -16.09 -6.25
N THR A 265 -5.01 -16.61 -7.40
CA THR A 265 -4.12 -16.51 -8.57
C THR A 265 -3.84 -15.07 -8.97
N ARG A 266 -4.81 -14.18 -8.79
CA ARG A 266 -4.63 -12.78 -9.16
C ARG A 266 -4.12 -11.91 -8.03
N CYS A 267 -3.69 -12.52 -6.91
CA CYS A 267 -3.00 -11.72 -5.89
C CYS A 267 -1.56 -11.49 -6.33
N GLN A 268 -1.22 -10.23 -6.61
CA GLN A 268 0.08 -9.91 -7.21
C GLN A 268 1.24 -10.11 -6.26
N GLY A 269 0.96 -9.98 -4.96
CA GLY A 269 2.00 -10.15 -3.95
C GLY A 269 1.70 -9.36 -2.69
N VAL A 270 2.75 -9.21 -1.89
CA VAL A 270 2.66 -8.64 -0.57
C VAL A 270 3.74 -7.57 -0.41
N THR A 271 3.34 -6.38 0.05
CA THR A 271 4.26 -5.29 0.37
C THR A 271 4.19 -5.06 1.88
N VAL A 272 5.35 -5.07 2.55
CA VAL A 272 5.40 -4.78 3.99
C VAL A 272 5.69 -3.30 4.21
N TRP A 273 5.11 -2.74 5.26
CA TRP A 273 5.16 -1.29 5.48
C TRP A 273 6.42 -0.87 6.24
N GLY A 274 7.55 -1.13 5.58
CA GLY A 274 8.88 -0.83 6.12
C GLY A 274 9.77 -2.05 6.18
N ILE A 275 11.02 -1.81 6.56
CA ILE A 275 12.01 -2.86 6.73
C ILE A 275 12.18 -3.19 8.22
N THR A 276 12.48 -2.16 9.01
CA THR A 276 12.93 -2.39 10.39
C THR A 276 12.01 -1.73 11.40
N ASP A 277 11.82 -2.41 12.53
CA ASP A 277 11.09 -1.87 13.67
C ASP A 277 11.67 -0.52 14.11
N LYS A 278 12.94 -0.29 13.80
CA LYS A 278 13.62 0.97 14.14
C LYS A 278 12.86 2.18 13.60
N TYR A 279 12.23 2.04 12.43
CA TYR A 279 11.59 3.17 11.74
C TYR A 279 10.08 3.03 11.55
N SER A 280 9.51 1.91 11.97
CA SER A 280 8.06 1.69 11.80
C SER A 280 7.21 2.83 12.33
N TRP A 281 6.18 3.19 11.57
CA TRP A 281 5.20 4.20 11.97
C TRP A 281 4.38 3.82 13.21
N VAL A 282 4.32 2.54 13.56
CA VAL A 282 3.38 2.04 14.58
C VAL A 282 3.49 2.69 15.97
N PRO A 283 4.70 2.66 16.60
CA PRO A 283 4.77 3.20 17.98
C PRO A 283 4.32 4.65 18.17
N ASP A 284 4.45 5.48 17.13
CA ASP A 284 4.02 6.88 17.20
C ASP A 284 2.51 7.05 17.22
N VAL A 285 1.79 6.12 16.61
CA VAL A 285 0.33 6.18 16.54
C VAL A 285 -0.35 5.35 17.65
N PHE A 286 0.24 4.22 18.00
CA PHE A 286 -0.32 3.28 18.98
C PHE A 286 0.62 3.14 20.18
N PRO A 287 0.38 3.93 21.26
CA PRO A 287 1.26 3.91 22.42
C PRO A 287 1.45 2.51 22.99
N GLY A 288 2.71 2.09 23.13
CA GLY A 288 3.02 0.77 23.71
C GLY A 288 2.89 -0.41 22.74
N GLU A 289 2.57 -0.11 21.47
CA GLU A 289 2.55 -1.14 20.42
C GLU A 289 3.71 -0.94 19.47
N GLY A 290 4.09 -1.98 18.75
CA GLY A 290 5.24 -1.89 17.87
C GLY A 290 5.73 -3.26 17.48
N ALA A 291 7.05 -3.37 17.27
CA ALA A 291 7.70 -4.61 16.82
C ALA A 291 6.92 -5.31 15.72
N ALA A 292 6.46 -4.51 14.76
CA ALA A 292 5.47 -4.96 13.77
C ALA A 292 6.05 -5.55 12.47
N LEU A 293 7.36 -5.38 12.26
CA LEU A 293 7.98 -5.68 10.96
C LEU A 293 8.86 -6.94 10.96
N VAL A 294 9.49 -7.23 9.84
CA VAL A 294 10.21 -8.50 9.68
C VAL A 294 11.62 -8.44 10.28
N TRP A 295 12.22 -7.24 10.34
CA TRP A 295 13.55 -7.03 10.98
C TRP A 295 13.38 -6.19 12.25
N ASP A 296 14.13 -6.55 13.29
CA ASP A 296 14.07 -5.79 14.53
C ASP A 296 14.85 -4.48 14.44
N ALA A 297 14.92 -3.73 15.54
CA ALA A 297 15.56 -2.41 15.53
C ALA A 297 17.08 -2.45 15.37
N SER A 298 17.67 -3.63 15.43
CA SER A 298 19.10 -3.79 15.15
C SER A 298 19.32 -4.56 13.85
N TYR A 299 18.28 -4.58 13.01
CA TYR A 299 18.33 -5.26 11.70
C TYR A 299 18.56 -6.77 11.75
N ALA A 300 18.19 -7.40 12.85
CA ALA A 300 18.18 -8.85 12.89
C ALA A 300 16.84 -9.39 12.40
N LYS A 301 16.91 -10.43 11.58
CA LYS A 301 15.73 -11.16 11.12
C LYS A 301 14.96 -11.69 12.32
N LYS A 302 13.65 -11.49 12.32
CA LYS A 302 12.77 -12.04 13.34
C LYS A 302 12.18 -13.34 12.82
N PRO A 303 11.49 -14.12 13.69
CA PRO A 303 10.92 -15.37 13.17
C PRO A 303 9.97 -15.21 11.98
N ALA A 304 9.37 -14.02 11.85
CA ALA A 304 8.53 -13.69 10.69
C ALA A 304 9.26 -13.94 9.36
N TYR A 305 10.58 -13.71 9.35
CA TYR A 305 11.35 -13.90 8.10
C TYR A 305 11.21 -15.33 7.54
N ALA A 306 11.50 -16.34 8.36
CA ALA A 306 11.36 -17.74 7.92
C ALA A 306 9.93 -18.07 7.53
N ALA A 307 8.96 -17.50 8.24
CA ALA A 307 7.54 -17.76 7.92
C ALA A 307 7.18 -17.22 6.54
N VAL A 308 7.68 -16.04 6.19
CA VAL A 308 7.41 -15.46 4.86
C VAL A 308 8.05 -16.32 3.78
N MET A 309 9.30 -16.72 4.01
CA MET A 309 9.98 -17.57 3.05
CA MET A 309 10.03 -17.61 3.10
C MET A 309 9.22 -18.87 2.84
N GLU A 310 8.76 -19.50 3.93
CA GLU A 310 7.99 -20.74 3.82
C GLU A 310 6.68 -20.55 3.06
N ALA A 311 5.99 -19.44 3.32
CA ALA A 311 4.69 -19.20 2.71
C ALA A 311 4.80 -18.98 1.20
N PHE A 312 5.89 -18.35 0.75
CA PHE A 312 6.09 -18.18 -0.69
C PHE A 312 6.46 -19.48 -1.37
N GLY A 313 6.70 -20.52 -0.59
N GLY A 313 7.03 -20.39 -0.60
CA GLY A 313 6.83 -21.88 -1.11
CA GLY A 313 7.64 -21.60 -1.13
C GLY A 313 8.27 -22.27 -1.27
C GLY A 313 6.59 -22.65 -1.42
N ALA A 314 9.14 -21.49 -0.63
N ALA A 314 5.54 -22.65 -0.59
CA ALA A 314 10.56 -21.75 -0.61
CA ALA A 314 4.47 -23.63 -0.71
C ALA A 314 10.89 -22.76 0.50
C ALA A 314 3.63 -23.37 -1.95
S4 TWY B . -4.41 2.98 8.10
C4 TWY B . -4.36 3.18 9.92
C5 TWY B . -4.52 1.79 10.57
O5 TWY B . -4.92 1.83 11.98
C1 TWY B . -6.16 2.61 12.07
O1 TWY B . -6.99 2.40 13.21
C2 TWY B . -5.66 4.05 11.89
O2 TWY B . -6.60 5.02 12.34
C3 TWY B . -5.44 4.20 10.39
O3 TWY B . -5.05 5.54 10.10
S4 TWY B . 1.28 5.30 6.88
C4 TWY B . -0.23 4.98 7.86
C5 TWY B . -0.51 3.48 7.74
O5 TWY B . -1.81 3.03 8.22
C1 TWY B . -2.84 3.72 7.54
C2 TWY B . -2.75 5.21 7.90
O2 TWY B . -3.87 5.91 7.38
C3 TWY B . -1.43 5.81 7.38
O3 TWY B . -1.35 7.16 7.85
S4 TWY B . 4.02 10.26 9.47
C4 TWY B . 3.41 9.00 8.29
C5 TWY B . 1.89 8.77 8.45
O5 TWY B . 1.47 7.79 7.47
C1 TWY B . 2.09 6.57 7.86
C2 TWY B . 3.55 6.64 7.46
O2 TWY B . 4.16 5.34 7.63
C3 TWY B . 4.19 7.67 8.39
O3 TWY B . 5.54 7.86 8.01
C1 XYP B . 4.25 11.57 8.21
C2 XYP B . 4.04 12.96 8.83
C3 XYP B . 4.59 14.08 7.93
C4 XYP B . 5.96 13.72 7.34
C5 XYP B . 5.91 12.36 6.63
O2 XYP B . 2.63 13.16 9.00
O3 XYP B . 4.73 15.29 8.69
O4 XYP B . 6.33 14.72 6.39
O5 XYP B . 5.57 11.37 7.62
#